data_4KD6
#
_entry.id   4KD6
#
_cell.length_a   118.481
_cell.length_b   118.481
_cell.length_c   38.932
_cell.angle_alpha   90.00
_cell.angle_beta   90.00
_cell.angle_gamma   120.00
#
_symmetry.space_group_name_H-M   'P 63'
#
loop_
_entity.id
_entity.type
_entity.pdbx_description
1 polymer 'Enoyl-CoA hydratase/isomerase'
2 water water
#
_entity_poly.entity_id   1
_entity_poly.type   'polypeptide(L)'
_entity_poly.pdbx_seq_one_letter_code
;(MSE)HHHHHHSSGVDLGTENLYFQS(MSE)SNDVLFSNHGRVAVITLNRPERLNAWTTP(MSE)RETIIDALERFNRDP
EVAAII(MSE)TGAGNRAFSAGQDLSEAHDFDGERAVAWVKEWQRYYTALRSLSKPLV(MSE)ALNGTAAGSAFQVALLG
DIRVGHPGVR(MSE)GQPEINAGIASTTGPWI(MSE)NA(MSE)LG(MSE)SRTIELTLTGRL(MSE)EAEECHRIGLIH
HLVDEDKVFDKALEIATELAAKPPVA(MSE)RLDKQRFRE(MSE)TEPGFIDCIEAGERIQREAYDSGEPAR(MSE)
(MSE)EEFFSKRAK
;
_entity_poly.pdbx_strand_id   A
#
# COMPACT_ATOMS: atom_id res chain seq x y z
N ASP A 26 -5.72 5.86 -15.35
CA ASP A 26 -4.35 6.39 -15.61
C ASP A 26 -3.58 6.29 -14.24
N VAL A 27 -2.29 6.18 -14.36
CA VAL A 27 -1.33 6.20 -13.29
C VAL A 27 -0.27 7.11 -13.83
N LEU A 28 0.26 8.00 -13.01
CA LEU A 28 1.39 8.85 -13.36
C LEU A 28 2.68 8.39 -12.80
N PHE A 29 3.77 8.53 -13.55
CA PHE A 29 5.11 8.27 -13.09
C PHE A 29 5.95 9.52 -13.10
N SER A 30 6.71 9.76 -12.04
CA SER A 30 7.62 10.91 -12.00
C SER A 30 8.79 10.52 -11.14
N ASN A 31 9.79 11.39 -11.10
CA ASN A 31 10.92 11.22 -10.24
C ASN A 31 11.13 12.51 -9.49
N HIS A 32 11.55 12.40 -8.25
CA HIS A 32 12.04 13.55 -7.52
C HIS A 32 13.43 13.16 -7.03
N GLY A 33 14.45 13.74 -7.67
CA GLY A 33 15.79 13.16 -7.71
C GLY A 33 15.77 11.65 -7.94
N ARG A 34 16.39 10.90 -7.04
CA ARG A 34 16.43 9.41 -7.09
C ARG A 34 15.17 8.67 -6.48
N VAL A 35 14.08 9.41 -6.24
CA VAL A 35 12.85 8.86 -5.76
C VAL A 35 11.87 8.83 -6.91
N ALA A 36 11.42 7.64 -7.25
CA ALA A 36 10.35 7.39 -8.23
C ALA A 36 9.00 7.50 -7.54
N VAL A 37 8.06 8.10 -8.24
CA VAL A 37 6.79 8.38 -7.69
C VAL A 37 5.72 7.77 -8.59
N ILE A 38 4.83 6.98 -7.98
CA ILE A 38 3.64 6.47 -8.62
C ILE A 38 2.42 7.15 -8.04
N THR A 39 1.71 7.87 -8.91
CA THR A 39 0.48 8.55 -8.58
C THR A 39 -0.70 7.90 -9.28
N LEU A 40 -1.62 7.45 -8.46
CA LEU A 40 -2.83 6.85 -8.89
C LEU A 40 -3.72 7.97 -9.37
N ASN A 41 -4.25 7.85 -10.60
CA ASN A 41 -4.86 9.00 -11.28
C ASN A 41 -6.20 8.69 -11.99
N ARG A 42 -7.20 8.33 -11.19
CA ARG A 42 -8.58 8.13 -11.64
C ARG A 42 -9.39 8.82 -10.58
N PRO A 43 -9.19 10.12 -10.44
CA PRO A 43 -9.82 10.80 -9.32
C PRO A 43 -11.35 10.78 -9.28
N GLU A 44 -11.96 10.76 -10.46
CA GLU A 44 -13.42 10.78 -10.53
C GLU A 44 -13.98 9.44 -10.09
N ARG A 45 -13.15 8.38 -10.05
CA ARG A 45 -13.55 7.10 -9.48
C ARG A 45 -12.85 6.81 -8.13
N LEU A 46 -12.43 7.86 -7.44
CA LEU A 46 -11.69 7.78 -6.18
C LEU A 46 -10.48 6.85 -6.27
N ASN A 47 -9.80 6.94 -7.40
CA ASN A 47 -8.63 6.15 -7.72
C ASN A 47 -8.80 4.64 -7.55
N ALA A 48 -10.03 4.16 -7.65
CA ALA A 48 -10.33 2.74 -7.65
C ALA A 48 -9.50 2.02 -8.74
N TRP A 49 -9.03 0.81 -8.40
CA TRP A 49 -8.20 -0.04 -9.26
C TRP A 49 -8.98 -0.61 -10.43
N THR A 50 -8.36 -0.59 -11.59
CA THR A 50 -8.82 -1.44 -12.68
C THR A 50 -7.67 -2.33 -13.04
N THR A 51 -7.94 -3.37 -13.82
CA THR A 51 -6.91 -4.36 -14.23
C THR A 51 -5.77 -3.71 -15.07
N PRO A 52 -6.11 -2.79 -15.98
CA PRO A 52 -4.96 -2.16 -16.68
C PRO A 52 -4.11 -1.27 -15.78
N ARG A 54 -3.52 -1.84 -12.58
CA ARG A 54 -2.61 -2.77 -11.84
C ARG A 54 -1.50 -3.32 -12.72
N GLU A 55 -1.80 -3.59 -13.98
CA GLU A 55 -0.79 -4.15 -14.93
C GLU A 55 0.35 -3.20 -15.15
N THR A 56 -0.02 -1.95 -15.30
CA THR A 56 0.98 -0.89 -15.44
C THR A 56 1.80 -0.70 -14.18
N ILE A 57 1.15 -0.76 -13.02
CA ILE A 57 1.86 -0.51 -11.76
C ILE A 57 2.84 -1.67 -11.54
N ILE A 58 2.38 -2.88 -11.83
CA ILE A 58 3.25 -4.08 -11.71
C ILE A 58 4.52 -3.92 -12.52
N ASP A 59 4.41 -3.44 -13.77
CA ASP A 59 5.61 -3.27 -14.62
C ASP A 59 6.50 -2.26 -14.08
N ALA A 60 5.92 -1.13 -13.66
CA ALA A 60 6.76 -0.09 -13.06
C ALA A 60 7.52 -0.55 -11.80
N LEU A 61 6.82 -1.34 -10.98
CA LEU A 61 7.45 -1.81 -9.75
C LEU A 61 8.66 -2.71 -10.06
N GLU A 62 8.47 -3.61 -11.02
CA GLU A 62 9.57 -4.48 -11.56
C GLU A 62 10.73 -3.66 -12.19
N ARG A 63 10.48 -2.57 -12.90
CA ARG A 63 11.61 -1.69 -13.36
C ARG A 63 12.37 -0.94 -12.26
N PHE A 64 11.61 -0.20 -11.42
CA PHE A 64 12.21 0.63 -10.34
C PHE A 64 13.16 -0.27 -9.53
N ASN A 65 12.79 -1.50 -9.36
CA ASN A 65 13.62 -2.43 -8.54
C ASN A 65 15.02 -2.66 -9.08
N ARG A 66 15.17 -2.83 -10.42
CA ARG A 66 16.54 -2.90 -11.01
C ARG A 66 17.15 -1.58 -11.46
N ASP A 67 16.34 -0.54 -11.46
CA ASP A 67 16.70 0.72 -12.05
C ASP A 67 17.69 1.44 -11.13
N PRO A 68 18.80 1.98 -11.71
CA PRO A 68 19.93 2.49 -10.91
C PRO A 68 19.77 3.95 -10.52
N GLU A 69 19.06 4.72 -11.34
CA GLU A 69 18.52 6.01 -10.98
C GLU A 69 17.64 5.97 -9.73
N VAL A 70 17.16 4.78 -9.29
CA VAL A 70 16.01 4.81 -8.35
C VAL A 70 16.44 4.23 -7.00
N ALA A 71 16.46 5.06 -5.97
CA ALA A 71 16.86 4.57 -4.62
C ALA A 71 15.65 4.35 -3.66
N ALA A 72 14.47 4.81 -4.08
CA ALA A 72 13.26 4.65 -3.26
C ALA A 72 12.05 5.02 -4.11
N ILE A 73 10.88 4.69 -3.58
CA ILE A 73 9.65 4.77 -4.31
C ILE A 73 8.54 5.30 -3.43
N ILE A 74 7.74 6.19 -3.98
CA ILE A 74 6.56 6.66 -3.31
C ILE A 74 5.39 6.28 -4.14
N THR A 76 1.25 7.29 -4.14
CA THR A 76 0.31 8.27 -3.68
C THR A 76 -0.88 8.27 -4.64
N GLY A 77 -1.95 8.92 -4.23
CA GLY A 77 -3.08 9.09 -5.15
C GLY A 77 -3.35 10.54 -5.50
N ALA A 78 -4.11 10.74 -6.57
CA ALA A 78 -4.50 12.08 -7.04
C ALA A 78 -5.69 12.57 -6.26
N GLY A 79 -5.71 13.90 -6.07
CA GLY A 79 -6.83 14.59 -5.42
C GLY A 79 -6.80 14.50 -3.89
N ASN A 80 -7.88 14.92 -3.25
CA ASN A 80 -7.92 15.03 -1.85
C ASN A 80 -9.00 14.21 -1.18
N ARG A 81 -9.61 13.29 -1.91
CA ARG A 81 -10.63 12.45 -1.27
C ARG A 81 -10.09 11.05 -0.98
N ALA A 82 -9.26 10.47 -1.86
CA ALA A 82 -8.85 9.10 -1.67
C ALA A 82 -7.49 8.79 -2.21
N PHE A 83 -6.70 8.04 -1.40
CA PHE A 83 -5.57 7.32 -1.90
C PHE A 83 -6.10 6.37 -2.95
N SER A 84 -6.89 5.40 -2.52
CA SER A 84 -7.72 4.62 -3.39
C SER A 84 -8.91 4.01 -2.64
N ALA A 85 -10.08 4.04 -3.27
CA ALA A 85 -11.27 3.32 -2.81
C ALA A 85 -11.19 1.77 -2.96
N GLY A 86 -10.18 1.24 -3.61
CA GLY A 86 -10.08 -0.21 -3.81
C GLY A 86 -10.55 -0.57 -5.20
N GLN A 87 -11.28 -1.67 -5.31
CA GLN A 87 -11.70 -2.23 -6.60
C GLN A 87 -12.75 -1.33 -7.26
N ASP A 88 -12.53 -0.92 -8.51
CA ASP A 88 -13.60 -0.29 -9.28
C ASP A 88 -14.78 -1.27 -9.28
N LEU A 89 -15.93 -0.83 -8.79
CA LEU A 89 -17.10 -1.67 -8.86
C LEU A 89 -17.58 -1.97 -10.31
N SER A 90 -16.86 -1.53 -11.36
CA SER A 90 -16.95 -2.18 -12.70
C SER A 90 -15.63 -2.84 -13.06
N TRP A 103 -8.28 -14.45 -11.21
CA TRP A 103 -8.47 -13.09 -10.66
C TRP A 103 -7.73 -12.88 -9.35
N VAL A 104 -8.00 -13.77 -8.40
CA VAL A 104 -7.29 -13.75 -7.14
C VAL A 104 -5.80 -13.96 -7.42
N LYS A 105 -5.48 -14.57 -8.56
CA LYS A 105 -4.10 -14.73 -9.04
C LYS A 105 -3.41 -13.45 -9.53
N GLU A 106 -4.10 -12.64 -10.32
CA GLU A 106 -3.49 -11.37 -10.83
C GLU A 106 -3.26 -10.41 -9.65
N TRP A 107 -4.19 -10.39 -8.71
CA TRP A 107 -3.99 -9.71 -7.44
C TRP A 107 -2.76 -10.16 -6.64
N GLN A 108 -2.59 -11.48 -6.59
CA GLN A 108 -1.43 -12.09 -5.98
C GLN A 108 -0.17 -11.67 -6.72
N ARG A 109 -0.26 -11.50 -8.02
CA ARG A 109 0.91 -10.99 -8.74
C ARG A 109 1.31 -9.52 -8.31
N TYR A 110 0.33 -8.64 -8.09
CA TYR A 110 0.55 -7.27 -7.55
C TYR A 110 1.21 -7.32 -6.12
N TYR A 111 0.60 -8.09 -5.23
CA TYR A 111 1.11 -8.25 -3.84
C TYR A 111 2.53 -8.77 -3.88
N THR A 112 2.80 -9.65 -4.82
CA THR A 112 4.11 -10.25 -4.94
C THR A 112 5.14 -9.24 -5.46
N ALA A 113 4.70 -8.40 -6.37
CA ALA A 113 5.58 -7.35 -6.89
C ALA A 113 5.88 -6.29 -5.80
N LEU A 114 4.91 -6.01 -4.91
CA LEU A 114 5.18 -5.09 -3.81
C LEU A 114 6.11 -5.72 -2.80
N ARG A 115 5.93 -7.01 -2.49
CA ARG A 115 6.80 -7.72 -1.54
C ARG A 115 8.21 -7.96 -2.03
N SER A 116 8.40 -7.88 -3.33
CA SER A 116 9.71 -8.15 -3.94
C SER A 116 10.70 -7.00 -3.97
N LEU A 117 10.27 -5.81 -3.65
CA LEU A 117 11.15 -4.66 -3.74
C LEU A 117 12.35 -4.83 -2.82
N SER A 118 13.50 -4.38 -3.29
CA SER A 118 14.73 -4.41 -2.52
C SER A 118 15.06 -2.99 -2.02
N LYS A 119 14.17 -2.08 -2.38
CA LYS A 119 14.28 -0.64 -2.19
C LYS A 119 13.04 -0.15 -1.41
N PRO A 120 13.21 0.93 -0.66
CA PRO A 120 12.13 1.33 0.24
C PRO A 120 10.93 1.93 -0.50
N LEU A 121 9.77 1.62 0.03
CA LEU A 121 8.50 1.98 -0.57
C LEU A 121 7.72 2.80 0.46
N VAL A 122 7.57 4.08 0.21
CA VAL A 122 6.75 5.02 1.09
C VAL A 122 5.32 5.29 0.51
N ALA A 124 2.29 7.66 0.58
CA ALA A 124 1.87 9.03 0.83
C ALA A 124 0.37 9.00 0.73
N LEU A 125 -0.25 8.88 1.85
CA LEU A 125 -1.70 8.74 1.90
C LEU A 125 -2.47 10.09 1.90
N ASN A 126 -2.96 10.45 0.72
CA ASN A 126 -3.51 11.77 0.44
C ASN A 126 -4.97 11.70 0.81
N GLY A 127 -5.44 10.50 1.13
CA GLY A 127 -6.78 10.31 1.62
C GLY A 127 -7.02 8.84 1.89
N THR A 128 -8.29 8.53 2.01
CA THR A 128 -8.78 7.20 2.45
C THR A 128 -8.24 6.01 1.61
N ALA A 129 -7.85 4.95 2.33
CA ALA A 129 -7.41 3.66 1.75
C ALA A 129 -8.31 2.57 2.29
N ALA A 130 -9.18 2.05 1.42
CA ALA A 130 -10.17 1.06 1.74
C ALA A 130 -10.05 -0.17 0.86
N GLY A 131 -10.49 -1.28 1.42
CA GLY A 131 -10.49 -2.57 0.75
C GLY A 131 -9.11 -2.98 0.26
N SER A 132 -9.03 -3.32 -1.00
CA SER A 132 -7.76 -3.85 -1.52
C SER A 132 -6.68 -2.76 -1.51
N ALA A 133 -7.11 -1.49 -1.53
CA ALA A 133 -6.14 -0.35 -1.38
C ALA A 133 -5.53 -0.21 0.04
N PHE A 134 -6.34 -0.57 1.05
CA PHE A 134 -5.86 -0.71 2.45
C PHE A 134 -4.74 -1.76 2.49
N GLN A 135 -4.98 -2.88 1.86
CA GLN A 135 -3.95 -3.89 1.82
C GLN A 135 -2.69 -3.43 1.11
N VAL A 136 -2.86 -2.79 -0.03
CA VAL A 136 -1.64 -2.34 -0.74
C VAL A 136 -0.87 -1.34 0.11
N ALA A 137 -1.62 -0.43 0.75
CA ALA A 137 -1.01 0.58 1.62
C ALA A 137 -0.20 -0.08 2.74
N LEU A 138 -0.72 -1.18 3.27
CA LEU A 138 -0.04 -1.86 4.37
C LEU A 138 1.13 -2.68 3.91
N LEU A 139 1.24 -2.89 2.62
CA LEU A 139 2.48 -3.54 2.06
C LEU A 139 3.61 -2.56 1.76
N GLY A 140 3.31 -1.26 1.85
CA GLY A 140 4.41 -0.29 1.93
C GLY A 140 5.30 -0.46 3.19
N ASP A 141 6.48 0.12 3.20
CA ASP A 141 7.36 0.11 4.36
C ASP A 141 6.91 1.16 5.35
N ILE A 142 6.57 2.32 4.85
CA ILE A 142 6.25 3.44 5.69
C ILE A 142 5.03 4.14 5.18
N ARG A 143 4.12 4.50 6.08
CA ARG A 143 2.97 5.23 5.79
C ARG A 143 2.91 6.64 6.45
N VAL A 144 2.54 7.62 5.62
CA VAL A 144 2.33 8.99 6.00
C VAL A 144 0.94 9.37 5.60
N GLY A 145 0.21 10.01 6.50
CA GLY A 145 -1.09 10.49 6.18
C GLY A 145 -1.36 11.82 6.84
N HIS A 146 -2.63 12.19 6.76
CA HIS A 146 -3.13 13.40 7.38
C HIS A 146 -4.43 13.08 8.07
N PRO A 147 -4.94 14.05 8.86
CA PRO A 147 -6.02 13.70 9.78
C PRO A 147 -7.35 13.24 9.19
N GLY A 148 -7.59 13.50 7.92
CA GLY A 148 -8.81 13.03 7.28
C GLY A 148 -8.66 11.66 6.66
N VAL A 149 -7.47 11.02 6.73
CA VAL A 149 -7.29 9.70 6.13
C VAL A 149 -8.02 8.63 6.96
N ARG A 150 -8.94 7.92 6.34
CA ARG A 150 -9.55 6.75 6.94
C ARG A 150 -8.96 5.50 6.28
N GLY A 152 -9.50 1.07 6.12
CA GLY A 152 -10.04 -0.18 6.59
C GLY A 152 -10.51 -1.10 5.52
N GLN A 153 -11.24 -2.12 5.95
CA GLN A 153 -11.70 -3.19 5.05
C GLN A 153 -13.20 -3.52 5.04
N PRO A 154 -13.97 -2.83 4.23
CA PRO A 154 -15.43 -2.96 4.26
C PRO A 154 -16.06 -4.10 3.45
N GLU A 155 -15.22 -4.96 2.90
CA GLU A 155 -15.55 -6.14 2.11
C GLU A 155 -16.71 -6.98 2.66
N ILE A 156 -16.77 -7.19 3.96
CA ILE A 156 -17.90 -7.97 4.49
C ILE A 156 -19.29 -7.46 4.14
N ASN A 157 -19.44 -6.13 4.05
CA ASN A 157 -20.73 -5.48 3.72
C ASN A 157 -21.18 -5.74 2.26
N ALA A 158 -20.25 -6.08 1.39
CA ALA A 158 -20.56 -6.49 0.03
C ALA A 158 -20.61 -8.00 -0.07
N GLY A 159 -20.64 -8.70 1.05
CA GLY A 159 -20.64 -10.19 1.04
C GLY A 159 -19.36 -10.81 0.56
N ILE A 160 -18.24 -10.10 0.59
CA ILE A 160 -16.93 -10.69 0.25
C ILE A 160 -16.23 -11.23 1.52
N ALA A 161 -15.79 -12.48 1.49
CA ALA A 161 -15.00 -13.10 2.56
C ALA A 161 -13.56 -12.68 2.35
N SER A 162 -12.86 -12.45 3.46
CA SER A 162 -11.55 -11.81 3.43
C SER A 162 -10.48 -12.79 3.86
N THR A 163 -9.39 -12.81 3.13
CA THR A 163 -8.24 -13.64 3.53
C THR A 163 -6.93 -12.86 3.61
N THR A 164 -6.69 -12.00 2.64
CA THR A 164 -5.45 -11.21 2.62
C THR A 164 -5.47 -10.16 3.72
N GLY A 165 -6.61 -9.50 3.85
CA GLY A 165 -6.70 -8.43 4.83
C GLY A 165 -6.39 -8.91 6.24
N PRO A 166 -7.08 -9.98 6.66
CA PRO A 166 -6.85 -10.48 8.00
C PRO A 166 -5.39 -10.90 8.23
N TRP A 167 -4.75 -11.50 7.23
CA TRP A 167 -3.35 -11.90 7.38
C TRP A 167 -2.50 -10.69 7.69
N ILE A 168 -2.58 -9.70 6.83
CA ILE A 168 -1.80 -8.49 6.98
C ILE A 168 -2.18 -7.70 8.24
N ASN A 170 -3.47 -8.80 10.99
CA ASN A 170 -3.00 -9.53 12.20
C ASN A 170 -1.49 -9.41 12.44
N ALA A 171 -0.71 -9.50 11.37
CA ALA A 171 0.76 -9.38 11.44
C ALA A 171 1.21 -7.95 11.99
N LEU A 173 -1.27 -5.97 14.06
CA LEU A 173 -2.24 -5.55 15.04
C LEU A 173 -2.68 -6.61 16.04
N GLY A 174 -2.45 -7.89 15.74
CA GLY A 174 -2.95 -8.94 16.56
C GLY A 174 -4.45 -9.21 16.32
N SER A 176 -7.31 -9.33 18.06
CA SER A 176 -8.49 -8.64 18.59
C SER A 176 -8.91 -7.45 17.69
N ARG A 177 -7.94 -6.62 17.31
CA ARG A 177 -8.25 -5.51 16.39
C ARG A 177 -8.65 -6.07 15.09
N THR A 178 -7.97 -7.11 14.60
CA THR A 178 -8.23 -7.65 13.27
C THR A 178 -9.62 -8.23 13.07
N ILE A 179 -10.08 -8.95 14.08
CA ILE A 179 -11.38 -9.58 14.04
C ILE A 179 -12.44 -8.50 14.01
N GLU A 180 -12.36 -7.52 14.90
CA GLU A 180 -13.33 -6.47 14.93
C GLU A 180 -13.37 -5.66 13.63
N LEU A 181 -12.18 -5.33 13.11
CA LEU A 181 -12.09 -4.61 11.84
C LEU A 181 -12.70 -5.41 10.71
N THR A 182 -12.48 -6.74 10.72
CA THR A 182 -12.89 -7.56 9.57
C THR A 182 -14.41 -7.79 9.60
N LEU A 183 -14.94 -8.13 10.78
CA LEU A 183 -16.39 -8.38 10.89
C LEU A 183 -17.28 -7.11 10.84
N THR A 184 -16.79 -5.98 11.36
CA THR A 184 -17.52 -4.70 11.24
C THR A 184 -17.40 -4.10 9.86
N GLY A 185 -16.27 -4.32 9.20
CA GLY A 185 -15.93 -3.61 8.00
C GLY A 185 -15.79 -2.09 8.21
N ARG A 186 -15.55 -1.61 9.44
CA ARG A 186 -15.48 -0.16 9.68
C ARG A 186 -14.22 0.46 9.09
N LEU A 187 -14.29 1.76 8.76
CA LEU A 187 -13.11 2.61 8.45
C LEU A 187 -12.65 3.32 9.72
N GLU A 189 -10.53 6.10 11.71
CA GLU A 189 -9.95 7.45 11.55
C GLU A 189 -8.41 7.43 11.62
N ALA A 190 -7.81 8.49 11.07
CA ALA A 190 -6.38 8.65 11.01
C ALA A 190 -5.66 8.54 12.32
N GLU A 191 -6.23 9.10 13.36
CA GLU A 191 -5.64 9.17 14.69
C GLU A 191 -5.53 7.74 15.28
N GLU A 192 -6.58 6.94 15.13
CA GLU A 192 -6.58 5.53 15.51
C GLU A 192 -5.48 4.78 14.71
N CYS A 193 -5.43 4.99 13.40
CA CYS A 193 -4.42 4.34 12.55
C CYS A 193 -3.01 4.63 13.05
N HIS A 194 -2.80 5.88 13.44
CA HIS A 194 -1.50 6.34 13.86
C HIS A 194 -1.17 5.75 15.25
N ARG A 195 -2.13 5.81 16.16
CA ARG A 195 -1.94 5.35 17.55
C ARG A 195 -1.61 3.80 17.60
N ILE A 196 -2.31 3.01 16.78
CA ILE A 196 -2.05 1.55 16.74
C ILE A 196 -0.90 1.14 15.83
N GLY A 197 -0.23 2.12 15.23
CA GLY A 197 1.01 1.88 14.48
C GLY A 197 0.91 1.66 12.99
N LEU A 198 -0.29 1.79 12.43
CA LEU A 198 -0.44 1.65 10.97
C LEU A 198 0.08 2.90 10.22
N ILE A 199 -0.22 4.08 10.72
CA ILE A 199 0.32 5.31 10.10
C ILE A 199 1.52 5.77 10.94
N HIS A 200 2.67 5.97 10.30
CA HIS A 200 3.89 6.32 11.01
C HIS A 200 4.00 7.80 11.27
N HIS A 201 3.48 8.61 10.34
CA HIS A 201 3.50 10.09 10.47
C HIS A 201 2.18 10.69 10.05
N LEU A 202 1.62 11.49 10.94
CA LEU A 202 0.47 12.29 10.62
C LEU A 202 0.92 13.74 10.40
N VAL A 203 0.65 14.30 9.25
CA VAL A 203 0.95 15.70 9.02
C VAL A 203 -0.22 16.43 8.36
N ASP A 204 -0.06 17.75 8.15
CA ASP A 204 -1.10 18.54 7.48
C ASP A 204 -1.31 17.98 6.11
N GLU A 205 -2.55 17.94 5.67
CA GLU A 205 -2.91 17.43 4.33
C GLU A 205 -1.98 17.88 3.20
N ASP A 206 -1.66 19.17 3.23
CA ASP A 206 -0.77 19.75 2.21
C ASP A 206 0.71 19.43 2.43
N LYS A 207 1.09 18.82 3.53
CA LYS A 207 2.47 18.37 3.75
C LYS A 207 2.72 16.86 3.53
N VAL A 208 1.68 16.10 3.22
CA VAL A 208 1.80 14.64 3.19
C VAL A 208 2.87 14.27 2.17
N PHE A 209 2.84 14.88 1.01
CA PHE A 209 3.79 14.45 -0.01
C PHE A 209 5.19 14.83 0.33
N ASP A 210 5.40 16.07 0.80
CA ASP A 210 6.77 16.48 1.24
C ASP A 210 7.33 15.60 2.36
N LYS A 211 6.50 15.23 3.32
CA LYS A 211 6.97 14.37 4.42
C LYS A 211 7.36 13.00 3.83
N ALA A 212 6.50 12.49 2.93
CA ALA A 212 6.77 11.24 2.21
C ALA A 212 8.10 11.33 1.47
N LEU A 213 8.33 12.45 0.79
CA LEU A 213 9.63 12.63 0.05
C LEU A 213 10.84 12.67 0.98
N GLU A 214 10.68 13.41 2.07
CA GLU A 214 11.73 13.51 3.05
C GLU A 214 12.06 12.13 3.67
N ILE A 215 11.04 11.35 4.01
CA ILE A 215 11.31 10.01 4.49
C ILE A 215 11.97 9.18 3.41
N ALA A 216 11.42 9.26 2.20
CA ALA A 216 11.96 8.40 1.12
C ALA A 216 13.39 8.75 0.82
N THR A 217 13.68 10.06 0.78
CA THR A 217 15.07 10.56 0.69
C THR A 217 15.97 10.02 1.80
N GLU A 218 15.50 10.02 3.03
CA GLU A 218 16.31 9.54 4.17
C GLU A 218 16.56 8.02 4.00
N LEU A 219 15.55 7.30 3.57
CA LEU A 219 15.74 5.88 3.39
C LEU A 219 16.55 5.58 2.14
N ALA A 220 16.39 6.40 1.12
CA ALA A 220 17.29 6.25 -0.03
C ALA A 220 18.80 6.34 0.38
N ALA A 221 19.12 7.08 1.44
CA ALA A 221 20.52 7.28 1.86
C ALA A 221 21.05 6.13 2.67
N LYS A 222 20.23 5.16 3.08
CA LYS A 222 20.76 4.08 3.85
C LYS A 222 21.65 3.18 2.94
N PRO A 223 22.63 2.51 3.54
CA PRO A 223 23.44 1.62 2.71
C PRO A 223 22.61 0.56 1.99
N PRO A 224 22.70 0.52 0.66
CA PRO A 224 21.79 -0.31 -0.14
C PRO A 224 21.74 -1.82 0.12
N VAL A 225 22.88 -2.41 0.46
CA VAL A 225 23.01 -3.83 0.75
C VAL A 225 22.23 -4.22 2.05
N ALA A 226 22.42 -3.43 3.13
CA ALA A 226 21.70 -3.61 4.37
C ALA A 226 20.21 -3.38 4.15
N ARG A 228 18.45 -3.86 1.24
CA ARG A 228 17.97 -5.01 0.52
C ARG A 228 17.90 -6.23 1.41
N LEU A 229 18.91 -6.44 2.21
CA LEU A 229 18.89 -7.60 3.08
C LEU A 229 17.83 -7.49 4.15
N ASP A 230 17.63 -6.30 4.70
CA ASP A 230 16.55 -6.09 5.69
C ASP A 230 15.18 -6.40 5.08
N LYS A 231 14.93 -5.86 3.89
CA LYS A 231 13.68 -6.09 3.20
C LYS A 231 13.49 -7.54 2.82
N GLN A 232 14.53 -8.22 2.42
CA GLN A 232 14.40 -9.63 2.12
C GLN A 232 14.04 -10.39 3.43
N ARG A 233 14.62 -9.97 4.52
CA ARG A 233 14.33 -10.59 5.82
C ARG A 233 12.84 -10.41 6.23
N PHE A 234 12.29 -9.23 6.05
CA PHE A 234 10.85 -9.03 6.31
C PHE A 234 9.98 -9.90 5.43
N ARG A 235 10.40 -10.03 4.17
CA ARG A 235 9.69 -10.92 3.23
C ARG A 235 9.71 -12.35 3.74
N GLU A 236 10.89 -12.84 4.09
CA GLU A 236 11.03 -14.22 4.59
C GLU A 236 10.27 -14.50 5.88
N THR A 238 7.50 -13.10 6.68
CA THR A 238 6.08 -13.12 6.47
C THR A 238 5.60 -14.07 5.38
N GLU A 239 6.54 -14.63 4.63
CA GLU A 239 6.22 -15.49 3.48
C GLU A 239 5.33 -16.68 3.82
N PRO A 240 5.63 -17.42 4.88
CA PRO A 240 4.66 -18.56 5.10
C PRO A 240 3.19 -18.09 5.29
N GLY A 241 3.00 -16.99 6.01
CA GLY A 241 1.65 -16.49 6.22
C GLY A 241 1.07 -15.98 4.91
N PHE A 242 1.90 -15.37 4.06
CA PHE A 242 1.45 -14.90 2.78
C PHE A 242 0.98 -16.11 1.91
N ILE A 243 1.81 -17.16 1.84
CA ILE A 243 1.46 -18.39 1.07
C ILE A 243 0.15 -18.97 1.59
N ASP A 244 0.04 -19.07 2.90
CA ASP A 244 -1.12 -19.61 3.50
C ASP A 244 -2.34 -18.86 3.09
N CYS A 245 -2.27 -17.52 3.04
CA CYS A 245 -3.53 -16.83 2.77
C CYS A 245 -3.83 -16.76 1.27
N ILE A 246 -2.85 -16.80 0.40
CA ILE A 246 -3.05 -17.09 -1.03
C ILE A 246 -3.81 -18.41 -1.23
N GLU A 247 -3.27 -19.53 -0.70
CA GLU A 247 -3.95 -20.82 -0.80
C GLU A 247 -5.35 -20.74 -0.15
N ALA A 248 -5.49 -20.17 1.06
CA ALA A 248 -6.87 -19.98 1.63
C ALA A 248 -7.79 -19.19 0.69
N GLY A 249 -7.23 -18.23 -0.03
CA GLY A 249 -7.94 -17.50 -1.07
C GLY A 249 -8.53 -18.28 -2.25
N GLU A 250 -7.79 -19.22 -2.86
CA GLU A 250 -8.41 -20.11 -3.87
C GLU A 250 -9.62 -20.73 -3.17
N ARG A 251 -9.39 -21.67 -2.27
CA ARG A 251 -10.45 -22.29 -1.51
C ARG A 251 -11.62 -21.33 -1.19
N ILE A 252 -11.38 -20.39 -0.29
CA ILE A 252 -12.44 -19.56 0.27
C ILE A 252 -12.78 -18.51 -0.76
#